data_5CNM
#
_entry.id   5CNM
#
_cell.length_a   84.892
_cell.length_b   99.025
_cell.length_c   71.172
_cell.angle_alpha   90.00
_cell.angle_beta   90.00
_cell.angle_gamma   90.00
#
_symmetry.space_group_name_H-M   'P 21 21 2'
#
loop_
_entity.id
_entity.type
_entity.pdbx_description
1 polymer 'Metabotropic glutamate receptor 3'
2 non-polymer '(1R,2S,4R,5R,6R)-2-amino-4-(1H-1,2,4-triazol-3-ylsulfanyl)bicyclo[3.1.0]hexane-2,6-dicarboxylic acid'
3 non-polymer 'CHLORIDE ION'
4 non-polymer 'SULFATE ION'
5 non-polymer 'MAGNESIUM ION'
6 water water
#
_entity_poly.entity_id   1
_entity_poly.type   'polypeptide(L)'
_entity_poly.pdbx_seq_one_letter_code
;MALKMLTRLQVLTLALFSKGFLLSLGDHNFLRREIKIEGDLVLGGLFPINEKGTGTEECGRINEDRGIQRLEAMLFAIDE
INKDDYLLPGVKLGVHILDTCSRDTYALEQSLEFVRASLTKVDEAEYMCPDGSYAIQENIPLLIAGVIGGSYSSVSIQVA
NLLRLFQIPQISYASTSAKLSDKSRYDYFARTVPPDFYQAKAMAEILRFFNWTYVSTVASEGDYGETGIEAFEQEARLRN
ISIATAEKVGRSNIRKSYDSVIRELLQKPNARVVVLFMRSDDSRELIAAASRANASFTWVASDGWGAQESIIKGSEHVAY
GAITLELASQPVRQFDRYFQSLNPYNNHRNPWFRDFWEQKFQCSLQNKRNHRRVCDKHLAIDSSNYEQESKIMFVVNAVY
AMAHALHKMQRTLCPNTTKLCDAMKILDGKKLYKDYLLKINFTAPFNPNKDADSIVKFDTFGDGMGRYNVFNFQNVGGKY
SYLKVGHWAETLSLDVNSIHWSRNSVPTSEGHHHHHH
;
_entity_poly.pdbx_strand_id   A
#
loop_
_chem_comp.id
_chem_comp.type
_chem_comp.name
_chem_comp.formula
52Q non-polymer '(1R,2S,4R,5R,6R)-2-amino-4-(1H-1,2,4-triazol-3-ylsulfanyl)bicyclo[3.1.0]hexane-2,6-dicarboxylic acid' 'C10 H12 N4 O4 S'
CL non-polymer 'CHLORIDE ION' 'Cl -1'
MG non-polymer 'MAGNESIUM ION' 'Mg 2'
SO4 non-polymer 'SULFATE ION' 'O4 S -2'
#
# COMPACT_ATOMS: atom_id res chain seq x y z
N ARG A 32 -12.20 1.15 24.37
CA ARG A 32 -11.66 1.61 23.08
C ARG A 32 -12.69 1.59 21.94
N ARG A 33 -12.37 2.34 20.86
CA ARG A 33 -13.17 2.44 19.64
C ARG A 33 -12.93 1.24 18.72
N GLU A 34 -14.00 0.73 18.08
CA GLU A 34 -13.89 -0.41 17.19
C GLU A 34 -15.14 -0.64 16.34
N ILE A 35 -15.00 -1.40 15.23
CA ILE A 35 -16.11 -1.85 14.40
C ILE A 35 -16.15 -3.36 14.55
N LYS A 36 -17.11 -3.88 15.34
CA LYS A 36 -17.33 -5.30 15.59
C LYS A 36 -18.65 -5.70 14.95
N ILE A 37 -18.61 -6.46 13.86
CA ILE A 37 -19.83 -6.90 13.22
C ILE A 37 -19.77 -8.42 13.11
N GLU A 38 -20.72 -9.09 13.77
CA GLU A 38 -20.86 -10.54 13.79
C GLU A 38 -20.95 -11.14 12.38
N GLY A 39 -20.40 -12.34 12.21
CA GLY A 39 -20.47 -13.06 10.95
C GLY A 39 -20.11 -14.52 11.12
N ASP A 40 -20.49 -15.39 10.15
CA ASP A 40 -20.11 -16.82 10.22
C ASP A 40 -18.56 -16.98 10.27
N LEU A 41 -17.83 -16.04 9.64
CA LEU A 41 -16.39 -15.88 9.64
C LEU A 41 -16.12 -14.41 9.79
N VAL A 42 -15.10 -14.04 10.52
CA VAL A 42 -14.77 -12.62 10.74
C VAL A 42 -13.37 -12.28 10.23
N LEU A 43 -13.29 -11.20 9.47
CA LEU A 43 -12.00 -10.69 9.05
C LEU A 43 -11.70 -9.53 9.98
N GLY A 44 -10.53 -9.57 10.60
CA GLY A 44 -10.05 -8.47 11.41
C GLY A 44 -9.48 -7.44 10.44
N GLY A 45 -9.47 -6.18 10.87
CA GLY A 45 -8.95 -5.12 10.03
C GLY A 45 -8.14 -4.16 10.84
N LEU A 46 -7.02 -3.68 10.29
CA LEU A 46 -6.21 -2.67 10.98
C LEU A 46 -5.89 -1.57 9.99
N PHE A 47 -6.20 -0.32 10.37
CA PHE A 47 -6.03 0.90 9.57
C PHE A 47 -5.47 2.04 10.42
N PRO A 48 -4.59 2.91 9.85
CA PRO A 48 -4.09 4.07 10.60
C PRO A 48 -5.15 5.17 10.63
N ILE A 49 -6.27 4.93 11.34
CA ILE A 49 -7.38 5.89 11.42
C ILE A 49 -6.90 7.22 11.98
N ASN A 50 -5.99 7.14 12.97
CA ASN A 50 -5.33 8.28 13.59
C ASN A 50 -3.85 8.30 13.33
N GLU A 51 -3.30 9.53 13.23
CA GLU A 51 -1.88 9.80 13.04
C GLU A 51 -1.20 9.57 14.39
N LYS A 52 0.08 9.12 14.37
CA LYS A 52 0.90 8.86 15.56
C LYS A 52 0.81 10.08 16.50
N GLY A 53 0.39 9.87 17.74
CA GLY A 53 0.20 10.94 18.70
C GLY A 53 1.47 11.70 19.07
N THR A 54 1.31 13.01 19.36
CA THR A 54 2.40 13.94 19.72
C THR A 54 2.95 13.75 21.14
N GLY A 55 4.24 13.39 21.21
CA GLY A 55 4.99 13.17 22.44
C GLY A 55 4.32 12.33 23.52
N THR A 56 3.40 12.94 24.30
CA THR A 56 2.64 12.27 25.37
C THR A 56 1.62 11.27 24.79
N GLU A 57 0.59 11.80 24.09
CA GLU A 57 -0.52 11.04 23.49
C GLU A 57 -0.14 9.90 22.53
N GLU A 58 -1.00 8.89 22.47
CA GLU A 58 -0.85 7.73 21.60
C GLU A 58 -1.34 8.07 20.17
N CYS A 59 -2.47 8.84 20.06
CA CYS A 59 -3.10 9.16 18.79
C CYS A 59 -3.32 10.64 18.58
N GLY A 60 -3.08 11.10 17.35
CA GLY A 60 -3.29 12.48 16.98
C GLY A 60 -4.60 12.66 16.22
N ARG A 61 -4.57 13.48 15.16
CA ARG A 61 -5.73 13.73 14.34
C ARG A 61 -6.08 12.55 13.42
N ILE A 62 -7.21 12.69 12.73
CA ILE A 62 -7.73 11.65 11.84
C ILE A 62 -7.04 11.70 10.49
N ASN A 63 -6.54 10.55 10.06
CA ASN A 63 -5.85 10.42 8.82
C ASN A 63 -7.04 10.09 7.87
N GLU A 64 -7.50 11.12 7.13
CA GLU A 64 -8.64 11.07 6.22
C GLU A 64 -8.48 10.08 5.07
N ASP A 65 -7.29 10.05 4.44
CA ASP A 65 -7.04 9.25 3.24
C ASP A 65 -6.62 7.81 3.48
N ARG A 66 -5.55 7.62 4.27
CA ARG A 66 -5.02 6.31 4.60
C ARG A 66 -5.83 5.62 5.71
N GLY A 67 -6.62 6.40 6.44
CA GLY A 67 -7.36 5.92 7.58
C GLY A 67 -8.81 5.73 7.25
N ILE A 68 -9.57 6.85 7.19
CA ILE A 68 -11.00 6.80 6.86
C ILE A 68 -11.34 6.08 5.52
N GLN A 69 -10.73 6.51 4.42
CA GLN A 69 -11.03 5.88 3.14
C GLN A 69 -10.72 4.42 3.08
N ARG A 70 -9.53 4.02 3.52
CA ARG A 70 -9.06 2.64 3.48
C ARG A 70 -9.94 1.76 4.34
N LEU A 71 -10.38 2.28 5.49
CA LEU A 71 -11.30 1.59 6.38
C LEU A 71 -12.66 1.39 5.70
N GLU A 72 -13.25 2.45 5.13
CA GLU A 72 -14.52 2.38 4.42
C GLU A 72 -14.43 1.46 3.18
N ALA A 73 -13.26 1.40 2.49
CA ALA A 73 -13.11 0.47 1.38
C ALA A 73 -13.23 -1.02 1.87
N MET A 74 -12.81 -1.31 3.12
CA MET A 74 -12.95 -2.65 3.72
C MET A 74 -14.43 -2.96 3.91
N LEU A 75 -15.16 -2.06 4.60
CA LEU A 75 -16.60 -2.14 4.83
C LEU A 75 -17.35 -2.24 3.51
N PHE A 76 -16.96 -1.45 2.48
CA PHE A 76 -17.52 -1.52 1.14
C PHE A 76 -17.35 -2.92 0.56
N ALA A 77 -16.13 -3.52 0.61
CA ALA A 77 -15.89 -4.87 0.07
C ALA A 77 -16.63 -5.93 0.83
N ILE A 78 -16.63 -5.86 2.17
CA ILE A 78 -17.42 -6.80 2.98
C ILE A 78 -18.91 -6.72 2.53
N ASP A 79 -19.45 -5.50 2.41
CA ASP A 79 -20.83 -5.29 1.95
C ASP A 79 -21.09 -5.90 0.56
N GLU A 80 -20.18 -5.67 -0.39
CA GLU A 80 -20.27 -6.27 -1.72
C GLU A 80 -20.20 -7.80 -1.73
N ILE A 81 -19.37 -8.41 -0.88
CA ILE A 81 -19.22 -9.87 -0.75
C ILE A 81 -20.50 -10.48 -0.14
N ASN A 82 -21.15 -9.74 0.77
CA ASN A 82 -22.35 -10.21 1.45
C ASN A 82 -23.62 -10.10 0.63
N LYS A 83 -23.51 -9.51 -0.59
CA LYS A 83 -24.55 -9.35 -1.58
C LYS A 83 -24.19 -10.24 -2.79
N ASP A 84 -22.95 -10.78 -2.83
CA ASP A 84 -22.49 -11.59 -3.95
C ASP A 84 -22.82 -13.03 -3.69
N ASP A 85 -23.84 -13.55 -4.39
CA ASP A 85 -24.35 -14.91 -4.27
C ASP A 85 -23.41 -15.95 -4.82
N TYR A 86 -22.39 -15.54 -5.59
CA TYR A 86 -21.42 -16.50 -6.13
C TYR A 86 -20.15 -16.54 -5.28
N LEU A 87 -20.05 -15.64 -4.30
CA LEU A 87 -18.89 -15.62 -3.41
C LEU A 87 -19.36 -15.78 -1.98
N LEU A 88 -18.98 -16.94 -1.38
CA LEU A 88 -19.38 -17.33 -0.03
C LEU A 88 -20.92 -17.23 0.03
N PRO A 89 -21.67 -17.94 -0.85
CA PRO A 89 -23.14 -17.78 -0.87
C PRO A 89 -23.88 -17.99 0.46
N GLY A 90 -23.42 -18.95 1.27
CA GLY A 90 -23.99 -19.27 2.56
C GLY A 90 -23.11 -19.01 3.77
N VAL A 91 -22.12 -18.09 3.66
CA VAL A 91 -21.21 -17.74 4.76
C VAL A 91 -21.17 -16.23 4.86
N LYS A 92 -21.73 -15.64 5.93
CA LYS A 92 -21.72 -14.19 6.09
C LYS A 92 -20.41 -13.68 6.70
N LEU A 93 -19.73 -12.75 6.00
CA LEU A 93 -18.50 -12.16 6.53
C LEU A 93 -18.79 -11.04 7.50
N GLY A 94 -18.16 -11.13 8.65
CA GLY A 94 -18.21 -10.14 9.71
C GLY A 94 -16.85 -9.46 9.76
N VAL A 95 -16.74 -8.40 10.59
CA VAL A 95 -15.51 -7.65 10.69
C VAL A 95 -15.20 -7.26 12.11
N HIS A 96 -13.91 -7.15 12.40
CA HIS A 96 -13.43 -6.56 13.64
C HIS A 96 -12.33 -5.56 13.26
N ILE A 97 -12.75 -4.32 12.99
CA ILE A 97 -11.85 -3.25 12.54
C ILE A 97 -11.32 -2.38 13.70
N LEU A 98 -10.01 -2.26 13.78
CA LEU A 98 -9.35 -1.48 14.80
C LEU A 98 -8.33 -0.49 14.25
N ASP A 99 -8.17 0.61 14.97
CA ASP A 99 -7.24 1.70 14.73
C ASP A 99 -5.85 1.28 15.15
N THR A 100 -4.81 1.66 14.38
CA THR A 100 -3.43 1.34 14.72
C THR A 100 -2.71 2.53 15.31
N CYS A 101 -3.25 3.73 15.11
CA CYS A 101 -2.70 5.02 15.50
C CYS A 101 -1.37 5.28 14.89
N SER A 102 -1.09 4.58 13.76
CA SER A 102 0.15 4.65 12.99
C SER A 102 1.37 4.34 13.88
N ARG A 103 1.20 3.46 14.85
CA ARG A 103 2.20 3.04 15.81
C ARG A 103 2.30 1.55 15.87
N ASP A 104 3.45 1.02 16.20
CA ASP A 104 3.69 -0.43 16.33
C ASP A 104 3.07 -1.01 17.57
N THR A 105 3.27 -0.32 18.73
CA THR A 105 2.83 -0.82 20.03
C THR A 105 1.33 -0.84 20.14
N TYR A 106 0.71 0.31 19.78
CA TYR A 106 -0.74 0.46 19.75
C TYR A 106 -1.38 -0.67 18.83
N ALA A 107 -0.85 -0.85 17.62
CA ALA A 107 -1.33 -1.92 16.73
C ALA A 107 -1.27 -3.30 17.40
N LEU A 108 -0.14 -3.67 18.10
CA LEU A 108 -0.03 -4.95 18.83
C LEU A 108 -1.08 -5.05 19.93
N GLU A 109 -1.21 -4.02 20.82
CA GLU A 109 -2.24 -4.03 21.88
C GLU A 109 -3.61 -4.33 21.25
N GLN A 110 -3.98 -3.64 20.14
CA GLN A 110 -5.23 -3.88 19.39
C GLN A 110 -5.30 -5.30 18.85
N SER A 111 -4.20 -5.75 18.20
CA SER A 111 -4.14 -7.09 17.61
C SER A 111 -4.41 -8.18 18.61
N LEU A 112 -4.19 -7.93 19.91
CA LEU A 112 -4.51 -8.91 20.95
C LEU A 112 -5.98 -9.33 20.93
N GLU A 113 -6.88 -8.42 20.47
CA GLU A 113 -8.29 -8.76 20.23
C GLU A 113 -8.43 -9.95 19.23
N PHE A 114 -7.63 -9.99 18.15
CA PHE A 114 -7.68 -11.02 17.11
C PHE A 114 -7.22 -12.34 17.60
N VAL A 115 -6.24 -12.33 18.51
CA VAL A 115 -5.63 -13.49 19.12
C VAL A 115 -6.41 -14.03 20.32
N ARG A 116 -7.07 -13.16 21.13
CA ARG A 116 -7.95 -13.53 22.28
C ARG A 116 -9.07 -14.40 21.72
N ALA A 117 -9.57 -13.97 20.53
CA ALA A 117 -10.58 -14.63 19.71
C ALA A 117 -10.11 -16.05 19.38
N SER A 118 -8.99 -16.18 18.59
CA SER A 118 -8.30 -17.43 18.16
C SER A 118 -8.40 -18.64 19.14
N LEU A 119 -8.57 -18.33 20.47
CA LEU A 119 -8.66 -19.23 21.60
C LEU A 119 -10.02 -19.97 21.67
N ILE A 140 -17.11 -9.84 23.79
CA ILE A 140 -16.62 -11.20 23.56
C ILE A 140 -15.87 -11.35 22.21
N PRO A 141 -14.74 -12.09 22.18
CA PRO A 141 -14.00 -12.23 20.91
C PRO A 141 -14.61 -13.24 19.92
N LEU A 142 -14.47 -12.94 18.59
CA LEU A 142 -15.05 -13.61 17.40
C LEU A 142 -14.21 -14.71 16.70
N LEU A 143 -14.72 -15.26 15.58
CA LEU A 143 -14.03 -16.28 14.77
C LEU A 143 -13.11 -15.57 13.73
N ILE A 144 -11.90 -15.07 14.16
CA ILE A 144 -10.93 -14.41 13.26
C ILE A 144 -10.23 -15.33 12.21
N ALA A 145 -10.76 -15.31 10.95
CA ALA A 145 -10.23 -16.11 9.82
C ALA A 145 -8.96 -15.51 9.22
N GLY A 146 -8.82 -14.20 9.29
CA GLY A 146 -7.67 -13.49 8.78
C GLY A 146 -7.67 -12.03 9.17
N VAL A 147 -6.55 -11.33 8.93
CA VAL A 147 -6.43 -9.91 9.25
C VAL A 147 -6.04 -9.11 8.02
N ILE A 148 -6.76 -7.99 7.80
CA ILE A 148 -6.51 -7.06 6.69
C ILE A 148 -5.81 -5.85 7.24
N GLY A 149 -4.51 -5.72 6.93
CA GLY A 149 -3.65 -4.60 7.34
C GLY A 149 -2.22 -5.01 7.69
N GLY A 150 -1.39 -4.05 8.16
CA GLY A 150 -1.77 -2.65 8.29
C GLY A 150 -1.35 -1.83 7.10
N SER A 151 -1.15 -0.51 7.30
CA SER A 151 -0.67 0.37 6.24
C SER A 151 0.86 0.37 6.24
N TYR A 152 1.45 1.02 7.28
CA TYR A 152 2.88 1.15 7.48
C TYR A 152 3.53 -0.19 7.72
N SER A 153 4.75 -0.39 7.16
CA SER A 153 5.44 -1.68 7.31
C SER A 153 5.86 -1.96 8.74
N SER A 154 6.18 -0.93 9.53
CA SER A 154 6.59 -1.19 10.92
C SER A 154 5.41 -1.80 11.68
N VAL A 155 4.20 -1.34 11.35
CA VAL A 155 2.97 -1.85 11.95
C VAL A 155 2.75 -3.28 11.48
N SER A 156 2.76 -3.49 10.17
CA SER A 156 2.57 -4.82 9.56
C SER A 156 3.57 -5.84 10.06
N ILE A 157 4.84 -5.44 10.33
CA ILE A 157 5.92 -6.33 10.81
C ILE A 157 5.60 -6.82 12.21
N GLN A 158 5.30 -5.88 13.13
CA GLN A 158 4.93 -6.19 14.50
C GLN A 158 3.66 -7.07 14.57
N VAL A 159 2.62 -6.73 13.78
CA VAL A 159 1.38 -7.51 13.71
C VAL A 159 1.69 -8.94 13.16
N ALA A 160 2.52 -9.05 12.12
CA ALA A 160 2.89 -10.33 11.54
C ALA A 160 3.57 -11.21 12.55
N ASN A 161 4.36 -10.59 13.46
CA ASN A 161 5.10 -11.24 14.53
C ASN A 161 4.15 -11.91 15.51
N LEU A 162 3.07 -11.21 15.91
CA LEU A 162 2.00 -11.78 16.77
C LEU A 162 1.13 -12.78 15.98
N LEU A 163 0.68 -12.40 14.80
CA LEU A 163 -0.21 -13.27 14.05
C LEU A 163 0.28 -14.68 13.67
N ARG A 164 1.59 -14.88 13.33
CA ARG A 164 2.14 -16.20 12.94
C ARG A 164 2.06 -17.27 14.06
N LEU A 165 2.14 -16.80 15.31
CA LEU A 165 2.09 -17.58 16.54
C LEU A 165 0.76 -18.28 16.68
N PHE A 166 -0.30 -17.65 16.19
CA PHE A 166 -1.67 -18.12 16.31
C PHE A 166 -2.23 -18.58 14.98
N GLN A 167 -1.34 -18.70 13.96
CA GLN A 167 -1.68 -19.12 12.60
C GLN A 167 -2.87 -18.32 12.00
N ILE A 168 -2.81 -16.99 12.13
CA ILE A 168 -3.83 -16.10 11.56
C ILE A 168 -3.29 -15.46 10.26
N PRO A 169 -3.79 -15.89 9.05
CA PRO A 169 -3.37 -15.24 7.80
C PRO A 169 -3.55 -13.71 7.82
N GLN A 170 -2.63 -12.97 7.21
CA GLN A 170 -2.65 -11.52 7.19
C GLN A 170 -2.32 -11.01 5.80
N ILE A 171 -3.18 -10.11 5.27
CA ILE A 171 -2.96 -9.45 3.98
C ILE A 171 -2.84 -7.93 4.18
N SER A 172 -1.73 -7.34 3.75
CA SER A 172 -1.58 -5.89 3.82
C SER A 172 -1.80 -5.31 2.43
N TYR A 173 -2.45 -4.16 2.40
CA TYR A 173 -2.82 -3.42 1.18
C TYR A 173 -1.86 -2.25 0.92
N ALA A 174 -0.82 -2.07 1.78
CA ALA A 174 0.07 -0.92 1.64
C ALA A 174 1.52 -1.14 2.04
N SER A 175 1.83 -2.11 2.93
CA SER A 175 3.19 -2.38 3.44
C SER A 175 4.06 -3.00 2.39
N THR A 176 5.03 -2.23 1.95
CA THR A 176 5.92 -2.55 0.85
C THR A 176 7.35 -2.93 1.26
N SER A 177 7.70 -2.91 2.55
CA SER A 177 9.05 -3.28 2.96
C SER A 177 9.44 -4.67 2.50
N ALA A 178 10.74 -4.82 2.19
CA ALA A 178 11.31 -6.09 1.76
C ALA A 178 11.38 -7.08 2.88
N LYS A 179 11.45 -6.60 4.13
CA LYS A 179 11.58 -7.47 5.31
C LYS A 179 10.45 -8.48 5.34
N LEU A 180 9.22 -8.01 4.98
CA LEU A 180 8.00 -8.83 5.00
C LEU A 180 7.96 -10.02 4.02
N SER A 181 8.96 -10.10 3.09
CA SER A 181 9.09 -11.21 2.14
C SER A 181 9.84 -12.40 2.77
N ASP A 182 10.49 -12.16 3.93
CA ASP A 182 11.21 -13.18 4.70
C ASP A 182 10.22 -14.10 5.43
N LYS A 183 9.97 -15.29 4.88
CA LYS A 183 9.03 -16.24 5.46
C LYS A 183 9.55 -17.04 6.65
N SER A 184 10.84 -16.85 6.99
CA SER A 184 11.45 -17.43 8.18
C SER A 184 10.98 -16.58 9.36
N ARG A 185 10.43 -15.40 9.09
CA ARG A 185 9.95 -14.50 10.14
C ARG A 185 8.43 -14.20 10.08
N TYR A 186 7.91 -13.96 8.86
CA TYR A 186 6.53 -13.52 8.61
C TYR A 186 5.79 -14.53 7.77
N ASP A 187 5.78 -15.77 8.25
CA ASP A 187 5.20 -16.89 7.52
C ASP A 187 3.72 -16.89 7.23
N TYR A 188 2.95 -15.98 7.82
CA TYR A 188 1.49 -15.87 7.64
C TYR A 188 1.08 -14.57 6.94
N PHE A 189 2.07 -13.82 6.49
CA PHE A 189 1.90 -12.54 5.83
C PHE A 189 1.86 -12.70 4.32
N ALA A 190 1.02 -11.90 3.68
CA ALA A 190 0.82 -11.79 2.24
C ALA A 190 0.39 -10.34 2.03
N ARG A 191 0.49 -9.83 0.78
CA ARG A 191 0.15 -8.45 0.49
C ARG A 191 -0.27 -8.28 -0.93
N THR A 192 -1.24 -7.36 -1.20
CA THR A 192 -1.75 -7.11 -2.56
C THR A 192 -0.96 -6.06 -3.27
N VAL A 193 -0.13 -5.37 -2.52
CA VAL A 193 0.78 -4.34 -2.97
C VAL A 193 2.15 -5.04 -3.17
N PRO A 194 2.94 -4.74 -4.24
CA PRO A 194 4.25 -5.41 -4.39
C PRO A 194 5.33 -4.80 -3.48
N PRO A 195 6.39 -5.57 -3.12
CA PRO A 195 7.48 -4.98 -2.30
C PRO A 195 8.29 -3.99 -3.12
N ASP A 196 8.66 -2.85 -2.50
CA ASP A 196 9.40 -1.74 -3.11
C ASP A 196 10.61 -2.15 -3.89
N PHE A 197 11.22 -3.30 -3.58
CA PHE A 197 12.39 -3.77 -4.29
C PHE A 197 12.13 -4.17 -5.75
N TYR A 198 10.86 -4.27 -6.15
CA TYR A 198 10.51 -4.64 -7.53
C TYR A 198 10.79 -3.49 -8.47
N GLN A 199 10.78 -2.23 -7.93
CA GLN A 199 11.07 -0.99 -8.64
C GLN A 199 12.49 -1.02 -9.19
N ALA A 200 13.42 -1.63 -8.40
CA ALA A 200 14.83 -1.81 -8.75
C ALA A 200 14.90 -2.63 -10.05
N LYS A 201 14.33 -3.87 -10.07
CA LYS A 201 14.24 -4.77 -11.25
C LYS A 201 13.72 -4.03 -12.49
N ALA A 202 12.63 -3.26 -12.33
CA ALA A 202 11.99 -2.42 -13.35
C ALA A 202 12.90 -1.28 -13.84
N MET A 203 13.46 -0.46 -12.90
CA MET A 203 14.33 0.68 -13.20
C MET A 203 15.53 0.25 -14.01
N ALA A 204 16.19 -0.85 -13.60
CA ALA A 204 17.35 -1.40 -14.28
C ALA A 204 16.99 -1.88 -15.68
N GLU A 205 15.75 -2.41 -15.87
CA GLU A 205 15.29 -2.82 -17.20
C GLU A 205 15.09 -1.59 -18.11
N ILE A 206 14.73 -0.41 -17.55
CA ILE A 206 14.59 0.83 -18.31
C ILE A 206 16.00 1.26 -18.80
N LEU A 207 17.04 0.94 -17.98
CA LEU A 207 18.44 1.22 -18.36
C LEU A 207 18.88 0.19 -19.39
N ARG A 208 18.70 -1.11 -19.11
CA ARG A 208 19.11 -2.18 -20.02
C ARG A 208 18.39 -2.24 -21.36
N PHE A 209 17.33 -1.46 -21.50
CA PHE A 209 16.61 -1.34 -22.76
C PHE A 209 17.37 -0.28 -23.56
N PHE A 210 17.52 0.93 -22.95
CA PHE A 210 18.23 2.08 -23.48
C PHE A 210 19.78 1.97 -23.38
N ASN A 211 20.27 0.73 -23.12
CA ASN A 211 21.67 0.32 -23.03
C ASN A 211 22.56 1.08 -22.04
N TRP A 212 21.95 1.93 -21.17
CA TRP A 212 22.62 2.74 -20.15
C TRP A 212 23.36 1.83 -19.14
N THR A 213 24.64 1.52 -19.45
CA THR A 213 25.54 0.66 -18.69
C THR A 213 26.39 1.45 -17.69
N TYR A 214 26.81 2.67 -18.04
CA TYR A 214 27.57 3.48 -17.08
C TYR A 214 26.62 4.47 -16.40
N VAL A 215 26.20 4.09 -15.17
CA VAL A 215 25.18 4.78 -14.39
C VAL A 215 25.68 5.10 -12.98
N SER A 216 25.24 6.22 -12.43
CA SER A 216 25.55 6.63 -11.06
C SER A 216 24.27 6.45 -10.19
N THR A 217 24.42 6.20 -8.86
CA THR A 217 23.26 6.01 -7.97
C THR A 217 23.28 6.88 -6.72
N VAL A 218 22.10 7.28 -6.27
CA VAL A 218 21.89 8.00 -5.01
C VAL A 218 20.75 7.23 -4.28
N ALA A 219 20.87 7.03 -2.96
CA ALA A 219 19.91 6.28 -2.16
C ALA A 219 19.62 6.96 -0.83
N SER A 220 18.40 6.83 -0.33
CA SER A 220 17.99 7.40 0.95
C SER A 220 18.47 6.53 2.10
N GLU A 221 18.44 7.06 3.32
CA GLU A 221 18.83 6.28 4.51
C GLU A 221 17.58 5.61 5.06
N GLY A 222 17.79 4.39 5.56
CA GLY A 222 16.72 3.57 6.12
C GLY A 222 16.37 2.40 5.23
N ASP A 223 15.38 1.61 5.68
CA ASP A 223 14.89 0.39 5.02
C ASP A 223 14.67 0.54 3.51
N TYR A 224 13.98 1.62 3.08
CA TYR A 224 13.64 1.88 1.68
C TYR A 224 14.80 2.00 0.73
N GLY A 225 15.60 3.06 0.89
CA GLY A 225 16.73 3.38 0.02
C GLY A 225 17.74 2.26 -0.07
N GLU A 226 18.20 1.83 1.09
CA GLU A 226 19.21 0.80 1.25
C GLU A 226 18.79 -0.57 0.70
N THR A 227 17.56 -1.03 1.00
CA THR A 227 17.11 -2.33 0.48
C THR A 227 16.83 -2.29 -1.02
N GLY A 228 16.33 -1.16 -1.48
CA GLY A 228 16.03 -0.91 -2.88
C GLY A 228 17.25 -0.77 -3.76
N ILE A 229 18.21 0.09 -3.36
CA ILE A 229 19.45 0.30 -4.12
C ILE A 229 20.33 -0.94 -4.17
N GLU A 230 20.40 -1.71 -3.06
CA GLU A 230 21.13 -2.98 -2.96
C GLU A 230 20.51 -4.00 -3.96
N ALA A 231 19.17 -3.96 -4.10
CA ALA A 231 18.42 -4.81 -5.03
C ALA A 231 18.69 -4.37 -6.46
N PHE A 232 18.89 -3.06 -6.67
CA PHE A 232 19.19 -2.47 -7.97
C PHE A 232 20.59 -2.86 -8.41
N GLU A 233 21.60 -2.69 -7.51
CA GLU A 233 23.00 -3.03 -7.72
C GLU A 233 23.09 -4.45 -8.20
N GLN A 234 22.53 -5.39 -7.40
CA GLN A 234 22.50 -6.82 -7.71
C GLN A 234 21.81 -7.11 -9.06
N GLU A 235 20.73 -6.38 -9.40
CA GLU A 235 20.01 -6.55 -10.66
C GLU A 235 20.77 -5.95 -11.84
N ALA A 236 21.62 -4.93 -11.57
CA ALA A 236 22.46 -4.22 -12.56
C ALA A 236 23.68 -5.08 -12.90
N ARG A 237 24.28 -5.70 -11.86
CA ARG A 237 25.42 -6.60 -11.94
C ARG A 237 25.02 -7.83 -12.79
N LEU A 238 23.74 -8.29 -12.66
CA LEU A 238 23.15 -9.39 -13.42
C LEU A 238 23.00 -9.02 -14.90
N ARG A 239 22.78 -7.71 -15.19
CA ARG A 239 22.57 -7.13 -16.52
C ARG A 239 23.76 -6.26 -17.05
N ASN A 240 24.99 -6.56 -16.59
CA ASN A 240 26.27 -5.92 -16.98
C ASN A 240 26.47 -4.41 -16.65
N ILE A 241 25.41 -3.72 -16.13
CA ILE A 241 25.41 -2.28 -15.76
C ILE A 241 26.42 -2.01 -14.62
N SER A 242 27.15 -0.87 -14.68
CA SER A 242 28.20 -0.50 -13.70
C SER A 242 27.87 0.78 -12.94
N ILE A 243 28.38 0.86 -11.69
CA ILE A 243 28.18 2.02 -10.80
C ILE A 243 29.43 2.91 -10.62
N ALA A 244 29.28 4.22 -10.88
CA ALA A 244 30.34 5.20 -10.72
C ALA A 244 30.47 5.59 -9.24
N THR A 245 29.38 6.10 -8.64
CA THR A 245 29.30 6.55 -7.25
C THR A 245 28.00 6.14 -6.57
N ALA A 246 28.09 5.43 -5.43
CA ALA A 246 26.93 5.02 -4.65
C ALA A 246 26.79 5.97 -3.45
N GLU A 247 26.16 7.12 -3.67
CA GLU A 247 25.97 8.12 -2.61
C GLU A 247 24.72 7.86 -1.78
N LYS A 248 24.88 7.75 -0.45
CA LYS A 248 23.76 7.56 0.48
C LYS A 248 23.43 8.90 1.13
N VAL A 249 22.22 9.06 1.66
CA VAL A 249 21.79 10.32 2.26
C VAL A 249 20.88 10.18 3.52
N GLY A 250 21.45 10.48 4.69
CA GLY A 250 20.75 10.44 5.98
C GLY A 250 19.63 11.46 6.14
N ILE A 254 20.32 19.75 6.16
CA ILE A 254 21.06 20.79 5.45
C ILE A 254 21.10 20.53 3.96
N ARG A 255 20.85 21.59 3.17
CA ARG A 255 20.85 21.57 1.70
C ARG A 255 22.25 21.36 1.13
N LYS A 256 23.30 21.78 1.89
CA LYS A 256 24.71 21.65 1.52
C LYS A 256 25.17 20.20 1.45
N SER A 257 24.53 19.31 2.26
CA SER A 257 24.78 17.87 2.32
C SER A 257 24.39 17.22 0.98
N TYR A 258 23.26 17.66 0.41
CA TYR A 258 22.75 17.21 -0.89
C TYR A 258 23.61 17.85 -2.00
N ASP A 259 24.13 19.08 -1.75
CA ASP A 259 25.00 19.82 -2.66
C ASP A 259 26.37 19.12 -2.79
N SER A 260 26.81 18.43 -1.71
CA SER A 260 28.05 17.65 -1.66
C SER A 260 27.90 16.42 -2.56
N VAL A 261 26.73 15.76 -2.48
CA VAL A 261 26.34 14.57 -3.26
C VAL A 261 26.34 14.87 -4.76
N ILE A 262 25.74 16.01 -5.17
CA ILE A 262 25.68 16.49 -6.57
C ILE A 262 27.12 16.65 -7.14
N ARG A 263 28.05 17.20 -6.31
CA ARG A 263 29.47 17.41 -6.65
C ARG A 263 30.17 16.06 -6.96
N GLU A 264 29.93 15.03 -6.10
CA GLU A 264 30.44 13.66 -6.27
C GLU A 264 29.86 13.01 -7.51
N LEU A 265 28.62 13.40 -7.90
CA LEU A 265 27.94 12.93 -9.11
C LEU A 265 28.56 13.58 -10.34
N LEU A 266 29.07 14.82 -10.18
CA LEU A 266 29.74 15.57 -11.26
C LEU A 266 31.17 15.05 -11.46
N GLN A 267 31.88 14.74 -10.33
CA GLN A 267 33.25 14.20 -10.26
C GLN A 267 33.45 12.95 -11.11
N LYS A 268 32.35 12.31 -11.52
CA LYS A 268 32.35 11.15 -12.41
C LYS A 268 31.43 11.61 -13.58
N PRO A 269 31.97 12.40 -14.54
CA PRO A 269 31.10 12.93 -15.63
C PRO A 269 30.74 11.93 -16.73
N ASN A 270 31.23 10.70 -16.56
CA ASN A 270 31.06 9.54 -17.43
C ASN A 270 29.60 9.03 -17.45
N ALA A 271 28.95 8.99 -16.28
CA ALA A 271 27.55 8.58 -16.13
C ALA A 271 26.63 9.81 -16.16
N ARG A 272 25.73 9.85 -17.15
CA ARG A 272 24.75 10.93 -17.28
C ARG A 272 23.50 10.51 -16.51
N VAL A 273 23.21 9.18 -16.55
CA VAL A 273 22.08 8.50 -15.90
C VAL A 273 22.33 8.35 -14.40
N VAL A 274 21.43 8.92 -13.59
CA VAL A 274 21.48 8.81 -12.14
C VAL A 274 20.21 8.12 -11.63
N VAL A 275 20.36 6.86 -11.17
CA VAL A 275 19.26 6.07 -10.60
C VAL A 275 19.03 6.52 -9.16
N LEU A 276 17.79 6.96 -8.86
CA LEU A 276 17.45 7.43 -7.53
C LEU A 276 16.47 6.49 -6.80
N PHE A 277 16.79 6.16 -5.55
CA PHE A 277 15.95 5.34 -4.68
C PHE A 277 15.89 6.08 -3.37
N MET A 278 15.07 7.15 -3.36
CA MET A 278 14.86 8.05 -2.24
C MET A 278 13.39 8.30 -2.03
N ARG A 279 13.07 8.86 -0.88
CA ARG A 279 11.75 9.26 -0.46
C ARG A 279 11.47 10.65 -1.03
N SER A 280 10.22 11.14 -0.89
CA SER A 280 9.78 12.44 -1.41
C SER A 280 10.62 13.65 -0.99
N ASP A 281 10.72 13.91 0.32
CA ASP A 281 11.48 15.04 0.85
C ASP A 281 12.96 15.02 0.41
N ASP A 282 13.60 13.81 0.47
CA ASP A 282 14.99 13.60 0.03
C ASP A 282 15.15 13.94 -1.47
N SER A 283 14.26 13.38 -2.35
CA SER A 283 14.29 13.61 -3.80
C SER A 283 14.18 15.09 -4.22
N ARG A 284 13.26 15.83 -3.58
CA ARG A 284 12.99 17.24 -3.81
C ARG A 284 14.21 18.13 -3.51
N GLU A 285 14.95 17.83 -2.42
CA GLU A 285 16.12 18.61 -2.01
C GLU A 285 17.43 18.27 -2.75
N LEU A 286 17.44 17.17 -3.52
CA LEU A 286 18.58 16.72 -4.33
C LEU A 286 18.42 17.20 -5.77
N ILE A 287 17.22 17.66 -6.12
CA ILE A 287 16.93 18.20 -7.44
C ILE A 287 17.21 19.71 -7.40
N ALA A 288 16.92 20.35 -6.24
CA ALA A 288 17.18 21.75 -5.95
C ALA A 288 18.69 21.90 -5.79
N ALA A 289 19.37 20.84 -5.29
CA ALA A 289 20.82 20.78 -5.13
C ALA A 289 21.50 20.66 -6.51
N ALA A 290 20.82 19.99 -7.47
CA ALA A 290 21.26 19.85 -8.86
C ALA A 290 20.94 21.13 -9.65
N SER A 291 19.94 21.93 -9.16
CA SER A 291 19.52 23.20 -9.73
C SER A 291 20.56 24.27 -9.39
N ARG A 292 20.94 24.37 -8.09
CA ARG A 292 21.95 25.30 -7.59
C ARG A 292 23.25 25.17 -8.39
N ALA A 293 23.77 23.93 -8.52
CA ALA A 293 25.00 23.64 -9.26
C ALA A 293 24.80 23.56 -10.78
N ASN A 294 23.55 23.69 -11.26
CA ASN A 294 23.16 23.65 -12.68
C ASN A 294 23.75 22.41 -13.40
N ALA A 295 23.42 21.21 -12.86
CA ALA A 295 23.86 19.92 -13.39
C ALA A 295 22.74 19.29 -14.21
N SER A 296 23.08 18.77 -15.40
CA SER A 296 22.09 18.14 -16.30
C SER A 296 22.24 16.62 -16.35
N PHE A 297 21.41 15.91 -15.53
CA PHE A 297 21.36 14.44 -15.44
C PHE A 297 19.98 13.89 -15.78
N THR A 298 19.94 12.76 -16.50
CA THR A 298 18.70 12.04 -16.79
C THR A 298 18.47 11.11 -15.57
N TRP A 299 17.53 11.50 -14.72
CA TRP A 299 17.23 10.74 -13.52
C TRP A 299 16.25 9.60 -13.83
N VAL A 300 16.53 8.40 -13.27
CA VAL A 300 15.63 7.26 -13.31
C VAL A 300 15.37 6.98 -11.83
N ALA A 301 14.26 7.56 -11.30
CA ALA A 301 13.88 7.50 -9.88
C ALA A 301 12.73 6.54 -9.51
N SER A 302 12.72 6.10 -8.24
CA SER A 302 11.71 5.23 -7.64
C SER A 302 10.43 6.04 -7.29
N ASP A 303 9.38 5.38 -6.76
CA ASP A 303 8.09 6.00 -6.41
C ASP A 303 8.17 7.15 -5.39
N GLY A 304 9.34 7.34 -4.78
CA GLY A 304 9.59 8.43 -3.84
C GLY A 304 9.47 9.75 -4.55
N TRP A 305 9.88 9.76 -5.83
CA TRP A 305 9.73 10.88 -6.73
C TRP A 305 8.39 10.63 -7.47
N GLY A 306 8.32 9.59 -8.29
CA GLY A 306 7.11 9.27 -9.03
C GLY A 306 6.64 10.39 -9.95
N ALA A 307 5.32 10.56 -10.08
CA ALA A 307 4.71 11.58 -10.94
C ALA A 307 4.10 12.77 -10.16
N GLN A 308 4.79 13.25 -9.11
CA GLN A 308 4.33 14.36 -8.27
C GLN A 308 5.00 15.76 -8.50
N GLU A 309 4.21 16.83 -8.33
CA GLU A 309 4.68 18.21 -8.52
C GLU A 309 5.56 18.68 -7.35
N SER A 310 5.32 18.16 -6.11
CA SER A 310 6.08 18.48 -4.90
C SER A 310 7.61 18.55 -5.13
N ILE A 311 8.17 17.50 -5.77
CA ILE A 311 9.59 17.33 -6.07
C ILE A 311 10.17 18.40 -7.01
N ILE A 312 9.49 18.66 -8.15
CA ILE A 312 9.92 19.59 -9.21
C ILE A 312 9.69 21.11 -8.97
N LYS A 313 9.06 21.49 -7.83
CA LYS A 313 8.73 22.89 -7.54
C LYS A 313 9.90 23.87 -7.37
N GLY A 314 10.10 24.67 -8.42
CA GLY A 314 11.13 25.70 -8.53
C GLY A 314 12.45 25.22 -9.10
N SER A 315 12.50 23.98 -9.62
CA SER A 315 13.71 23.39 -10.17
C SER A 315 13.38 22.53 -11.40
N GLU A 316 12.29 22.89 -12.10
CA GLU A 316 11.74 22.23 -13.29
C GLU A 316 12.77 21.98 -14.41
N HIS A 317 13.65 22.97 -14.66
CA HIS A 317 14.69 22.96 -15.69
C HIS A 317 15.63 21.74 -15.61
N VAL A 318 16.27 21.51 -14.43
CA VAL A 318 17.21 20.39 -14.20
C VAL A 318 16.54 18.99 -14.28
N ALA A 319 15.22 18.93 -14.01
CA ALA A 319 14.41 17.71 -14.00
C ALA A 319 13.96 17.14 -15.37
N TYR A 320 13.91 17.96 -16.46
CA TYR A 320 13.47 17.55 -17.81
C TYR A 320 14.02 16.18 -18.26
N GLY A 321 13.12 15.31 -18.72
CA GLY A 321 13.45 13.99 -19.23
C GLY A 321 13.77 12.94 -18.19
N ALA A 322 13.30 13.15 -16.94
CA ALA A 322 13.50 12.20 -15.85
C ALA A 322 12.46 11.10 -15.95
N ILE A 323 12.91 9.85 -15.86
CA ILE A 323 12.10 8.64 -15.93
C ILE A 323 11.78 8.17 -14.47
N THR A 324 10.52 8.31 -14.05
CA THR A 324 10.09 7.96 -12.69
C THR A 324 9.13 6.76 -12.66
N LEU A 325 9.05 6.08 -11.50
CA LEU A 325 8.17 4.93 -11.30
C LEU A 325 7.04 5.27 -10.35
N GLU A 326 5.87 4.63 -10.56
CA GLU A 326 4.69 4.79 -9.73
C GLU A 326 3.88 3.53 -9.74
N LEU A 327 3.31 3.20 -8.58
CA LEU A 327 2.50 2.01 -8.40
C LEU A 327 1.21 2.12 -9.21
N ALA A 328 1.07 1.26 -10.19
CA ALA A 328 -0.08 1.26 -11.07
C ALA A 328 -1.26 0.71 -10.29
N SER A 329 -2.32 1.50 -10.27
CA SER A 329 -3.58 1.21 -9.61
C SER A 329 -4.70 1.85 -10.42
N GLN A 330 -5.83 1.17 -10.47
CA GLN A 330 -7.00 1.67 -11.14
C GLN A 330 -8.07 2.08 -10.10
N PRO A 331 -8.68 3.29 -10.23
CA PRO A 331 -9.74 3.69 -9.27
C PRO A 331 -10.96 2.74 -9.24
N VAL A 332 -11.55 2.53 -8.04
CA VAL A 332 -12.72 1.64 -7.86
C VAL A 332 -13.94 2.56 -7.90
N ARG A 333 -14.54 2.68 -9.08
CA ARG A 333 -15.64 3.61 -9.36
C ARG A 333 -16.82 3.49 -8.41
N GLN A 334 -17.28 2.23 -8.16
CA GLN A 334 -18.39 1.93 -7.27
C GLN A 334 -18.09 2.42 -5.86
N PHE A 335 -16.79 2.47 -5.50
CA PHE A 335 -16.34 2.97 -4.21
C PHE A 335 -16.59 4.47 -4.06
N ASP A 336 -16.32 5.28 -5.11
CA ASP A 336 -16.54 6.76 -5.07
C ASP A 336 -17.97 7.06 -4.72
N ARG A 337 -18.92 6.33 -5.32
CA ARG A 337 -20.34 6.46 -5.07
C ARG A 337 -20.67 6.17 -3.61
N TYR A 338 -20.15 5.06 -3.05
CA TYR A 338 -20.37 4.66 -1.65
C TYR A 338 -19.73 5.70 -0.70
N PHE A 339 -18.44 6.07 -0.95
CA PHE A 339 -17.77 7.01 -0.07
C PHE A 339 -18.41 8.39 0.03
N GLN A 340 -18.83 8.95 -1.10
CA GLN A 340 -19.47 10.27 -1.13
C GLN A 340 -20.88 10.29 -0.52
N SER A 341 -21.56 9.14 -0.52
CA SER A 341 -22.90 8.98 0.05
C SER A 341 -22.92 8.97 1.60
N LEU A 342 -21.72 8.88 2.23
CA LEU A 342 -21.55 8.81 3.68
C LEU A 342 -21.68 10.17 4.29
N ASN A 343 -22.40 10.25 5.40
CA ASN A 343 -22.59 11.48 6.18
C ASN A 343 -22.91 11.10 7.63
N PRO A 344 -22.77 12.02 8.62
CA PRO A 344 -23.06 11.65 10.01
C PRO A 344 -24.46 11.08 10.31
N TYR A 345 -25.43 11.31 9.41
CA TYR A 345 -26.79 10.80 9.56
C TYR A 345 -26.91 9.31 9.18
N ASN A 346 -26.15 8.87 8.20
CA ASN A 346 -26.22 7.50 7.72
C ASN A 346 -25.07 6.56 8.12
N ASN A 347 -23.96 7.09 8.66
CA ASN A 347 -22.79 6.26 8.96
C ASN A 347 -22.54 6.02 10.47
N HIS A 348 -23.49 5.38 11.17
CA HIS A 348 -23.32 5.13 12.60
C HIS A 348 -22.39 3.94 12.90
N ARG A 349 -22.20 3.07 11.91
CA ARG A 349 -21.32 1.93 12.10
C ARG A 349 -19.81 2.26 12.25
N ASN A 350 -19.36 3.42 11.75
CA ASN A 350 -17.95 3.86 11.85
C ASN A 350 -17.86 4.78 13.06
N PRO A 351 -17.29 4.36 14.23
CA PRO A 351 -17.23 5.28 15.41
C PRO A 351 -16.26 6.46 15.30
N TRP A 352 -15.53 6.54 14.17
CA TRP A 352 -14.54 7.58 13.90
C TRP A 352 -15.04 8.60 12.91
N PHE A 353 -16.16 8.30 12.25
CA PHE A 353 -16.74 9.14 11.19
C PHE A 353 -17.13 10.54 11.65
N ARG A 354 -17.66 10.69 12.88
CA ARG A 354 -17.97 12.03 13.38
C ARG A 354 -16.67 12.86 13.57
N ASP A 355 -15.62 12.25 14.18
CA ASP A 355 -14.31 12.90 14.34
C ASP A 355 -13.72 13.31 12.96
N PHE A 356 -13.76 12.36 11.97
CA PHE A 356 -13.37 12.55 10.57
C PHE A 356 -14.05 13.77 9.99
N TRP A 357 -15.42 13.80 10.06
CA TRP A 357 -16.29 14.88 9.55
C TRP A 357 -15.94 16.26 10.19
N GLU A 358 -16.04 16.36 11.54
CA GLU A 358 -15.71 17.52 12.37
C GLU A 358 -14.33 18.10 12.04
N GLN A 359 -13.35 17.21 11.77
CA GLN A 359 -11.99 17.60 11.39
C GLN A 359 -11.88 18.09 9.95
N LYS A 360 -12.57 17.39 9.01
CA LYS A 360 -12.54 17.71 7.57
C LYS A 360 -13.18 19.07 7.30
N PHE A 361 -14.41 19.27 7.79
CA PHE A 361 -15.15 20.48 7.57
C PHE A 361 -14.90 21.60 8.59
N GLN A 362 -14.10 21.31 9.65
CA GLN A 362 -13.66 22.27 10.68
C GLN A 362 -14.85 22.90 11.37
N CYS A 363 -15.75 22.06 11.89
CA CYS A 363 -16.98 22.49 12.54
C CYS A 363 -17.44 21.47 13.58
N SER A 364 -18.45 21.80 14.39
CA SER A 364 -18.98 20.90 15.41
C SER A 364 -20.35 20.35 15.01
N LEU A 365 -20.56 19.05 15.25
CA LEU A 365 -21.84 18.42 14.95
C LEU A 365 -22.80 18.67 16.11
N GLN A 366 -22.22 19.00 17.28
CA GLN A 366 -22.89 19.33 18.54
C GLN A 366 -23.17 20.84 18.58
N ASN A 370 -19.67 25.86 22.95
CA ASN A 370 -20.43 26.52 21.89
C ASN A 370 -19.60 27.62 21.17
N HIS A 371 -18.27 27.67 21.41
CA HIS A 371 -17.36 28.64 20.77
C HIS A 371 -16.85 28.08 19.41
N ARG A 372 -17.37 26.90 18.99
CA ARG A 372 -17.06 26.20 17.73
C ARG A 372 -18.17 26.49 16.72
N ARG A 373 -17.82 26.64 15.43
CA ARG A 373 -18.88 26.82 14.44
C ARG A 373 -19.55 25.50 14.13
N VAL A 374 -20.87 25.51 14.05
CA VAL A 374 -21.72 24.32 13.82
C VAL A 374 -21.67 23.85 12.38
N CYS A 375 -21.65 22.52 12.18
CA CYS A 375 -21.63 21.90 10.84
C CYS A 375 -22.96 22.11 10.16
N ASP A 376 -22.91 22.54 8.88
CA ASP A 376 -24.08 22.75 8.04
C ASP A 376 -24.66 21.39 7.67
N LYS A 377 -25.95 21.18 7.95
CA LYS A 377 -26.61 19.90 7.67
C LYS A 377 -26.45 19.41 6.21
N HIS A 378 -26.07 20.33 5.28
CA HIS A 378 -25.89 20.09 3.85
C HIS A 378 -24.48 19.82 3.33
N LEU A 379 -23.46 19.92 4.21
CA LEU A 379 -22.07 19.62 3.86
C LEU A 379 -22.01 18.19 3.34
N ALA A 380 -21.16 17.94 2.34
CA ALA A 380 -21.03 16.61 1.74
C ALA A 380 -19.63 16.29 1.22
N ILE A 381 -19.26 14.99 1.25
CA ILE A 381 -18.02 14.50 0.66
C ILE A 381 -18.44 14.43 -0.82
N ASP A 382 -17.75 15.18 -1.69
CA ASP A 382 -18.06 15.26 -3.12
C ASP A 382 -16.82 15.61 -3.91
N SER A 383 -16.96 15.73 -5.25
CA SER A 383 -15.87 16.05 -6.17
C SER A 383 -15.01 17.27 -5.77
N SER A 384 -15.58 18.24 -5.05
CA SER A 384 -14.83 19.42 -4.65
C SER A 384 -13.88 19.19 -3.46
N ASN A 385 -14.07 18.09 -2.68
CA ASN A 385 -13.27 17.80 -1.50
C ASN A 385 -12.77 16.35 -1.36
N TYR A 386 -13.12 15.49 -2.31
CA TYR A 386 -12.73 14.09 -2.28
C TYR A 386 -12.10 13.64 -3.60
N GLU A 387 -11.03 12.85 -3.49
CA GLU A 387 -10.29 12.24 -4.58
C GLU A 387 -9.90 10.87 -4.03
N GLN A 388 -10.36 9.76 -4.65
CA GLN A 388 -10.08 8.39 -4.19
C GLN A 388 -8.60 8.16 -3.94
N GLU A 389 -8.23 7.79 -2.68
CA GLU A 389 -6.87 7.48 -2.23
C GLU A 389 -6.23 6.44 -3.16
N SER A 390 -4.91 6.58 -3.48
CA SER A 390 -4.21 5.69 -4.41
C SER A 390 -4.24 4.20 -4.15
N LYS A 391 -4.36 3.77 -2.89
CA LYS A 391 -4.32 2.36 -2.56
C LYS A 391 -5.66 1.65 -2.31
N ILE A 392 -6.79 2.34 -2.55
CA ILE A 392 -8.13 1.76 -2.36
C ILE A 392 -8.30 0.39 -3.03
N MET A 393 -7.85 0.27 -4.30
CA MET A 393 -7.86 -0.95 -5.11
C MET A 393 -7.19 -2.10 -4.34
N PHE A 394 -6.10 -1.80 -3.62
CA PHE A 394 -5.37 -2.80 -2.85
C PHE A 394 -6.11 -3.26 -1.60
N VAL A 395 -6.93 -2.37 -1.00
CA VAL A 395 -7.74 -2.69 0.18
C VAL A 395 -8.81 -3.66 -0.26
N VAL A 396 -9.56 -3.31 -1.32
CA VAL A 396 -10.64 -4.12 -1.89
C VAL A 396 -10.10 -5.47 -2.35
N ASN A 397 -8.94 -5.49 -3.02
CA ASN A 397 -8.35 -6.75 -3.49
C ASN A 397 -7.87 -7.65 -2.38
N ALA A 398 -7.42 -7.07 -1.24
CA ALA A 398 -6.95 -7.82 -0.09
C ALA A 398 -8.13 -8.53 0.55
N VAL A 399 -9.26 -7.80 0.73
CA VAL A 399 -10.48 -8.34 1.33
C VAL A 399 -11.04 -9.51 0.47
N TYR A 400 -11.06 -9.33 -0.85
CA TYR A 400 -11.58 -10.31 -1.78
C TYR A 400 -10.68 -11.53 -1.90
N ALA A 401 -9.37 -11.37 -1.67
CA ALA A 401 -8.43 -12.47 -1.78
C ALA A 401 -8.69 -13.38 -0.60
N MET A 402 -8.98 -12.78 0.56
CA MET A 402 -9.33 -13.51 1.75
C MET A 402 -10.66 -14.23 1.53
N ALA A 403 -11.67 -13.54 0.96
CA ALA A 403 -13.00 -14.11 0.65
C ALA A 403 -12.87 -15.26 -0.35
N HIS A 404 -12.05 -15.09 -1.42
CA HIS A 404 -11.79 -16.12 -2.45
C HIS A 404 -11.11 -17.38 -1.84
N ALA A 405 -10.13 -17.19 -0.95
CA ALA A 405 -9.40 -18.25 -0.24
C ALA A 405 -10.35 -19.08 0.62
N LEU A 406 -11.16 -18.40 1.44
CA LEU A 406 -12.16 -18.97 2.33
C LEU A 406 -13.22 -19.69 1.53
N HIS A 407 -13.68 -19.12 0.39
CA HIS A 407 -14.68 -19.72 -0.48
C HIS A 407 -14.22 -21.04 -1.10
N LYS A 408 -12.98 -21.11 -1.62
CA LYS A 408 -12.38 -22.33 -2.12
C LYS A 408 -12.19 -23.32 -0.97
N MET A 409 -11.88 -22.83 0.27
CA MET A 409 -11.71 -23.70 1.44
C MET A 409 -13.01 -24.34 1.88
N GLN A 410 -14.06 -23.54 2.01
CA GLN A 410 -15.39 -24.00 2.38
C GLN A 410 -15.85 -24.98 1.30
N ARG A 411 -15.55 -24.71 0.03
CA ARG A 411 -16.01 -25.55 -1.06
C ARG A 411 -15.42 -26.94 -0.94
N THR A 412 -14.11 -27.01 -0.65
CA THR A 412 -13.35 -28.25 -0.51
C THR A 412 -13.70 -29.02 0.78
N LEU A 413 -13.61 -28.36 1.92
CA LEU A 413 -13.83 -28.93 3.23
C LEU A 413 -15.31 -29.15 3.61
N CYS A 414 -16.25 -28.65 2.82
CA CYS A 414 -17.67 -28.84 3.13
C CYS A 414 -18.41 -29.35 1.88
N PRO A 415 -18.21 -30.63 1.53
CA PRO A 415 -18.92 -31.16 0.36
C PRO A 415 -20.43 -31.17 0.57
N ASN A 416 -21.18 -30.79 -0.50
CA ASN A 416 -22.63 -30.77 -0.59
C ASN A 416 -23.39 -29.73 0.26
N THR A 417 -22.68 -28.65 0.64
CA THR A 417 -23.25 -27.54 1.40
C THR A 417 -22.51 -26.21 1.09
N THR A 418 -23.21 -25.07 1.28
CA THR A 418 -22.66 -23.72 1.12
C THR A 418 -22.31 -23.18 2.50
N LYS A 419 -22.89 -23.80 3.53
CA LYS A 419 -22.75 -23.42 4.92
C LYS A 419 -21.43 -23.84 5.59
N LEU A 420 -21.09 -23.14 6.68
CA LEU A 420 -19.88 -23.38 7.44
C LEU A 420 -20.07 -24.63 8.28
N CYS A 421 -19.36 -25.68 7.87
CA CYS A 421 -19.43 -27.01 8.46
C CYS A 421 -18.35 -27.10 9.52
N ASP A 422 -18.48 -28.07 10.45
CA ASP A 422 -17.56 -28.30 11.56
C ASP A 422 -16.05 -28.25 11.23
N ALA A 423 -15.65 -28.59 9.97
CA ALA A 423 -14.24 -28.58 9.53
C ALA A 423 -13.72 -27.14 9.47
N MET A 424 -14.55 -26.24 8.88
CA MET A 424 -14.24 -24.81 8.73
C MET A 424 -14.38 -24.13 10.09
N LYS A 425 -15.26 -24.63 10.98
CA LYS A 425 -15.48 -24.04 12.31
C LYS A 425 -14.23 -24.00 13.20
N ILE A 426 -13.32 -24.96 13.03
CA ILE A 426 -12.06 -25.05 13.77
C ILE A 426 -10.96 -24.80 12.75
N LEU A 427 -11.00 -23.61 12.12
CA LEU A 427 -10.12 -23.20 11.03
C LEU A 427 -8.62 -23.47 11.14
N ASP A 428 -8.05 -24.19 10.15
CA ASP A 428 -6.61 -24.43 10.04
C ASP A 428 -6.02 -23.27 9.22
N GLY A 429 -5.46 -22.30 9.93
CA GLY A 429 -4.85 -21.12 9.35
C GLY A 429 -3.66 -21.45 8.50
N LYS A 430 -2.93 -22.53 8.88
CA LYS A 430 -1.76 -23.03 8.16
C LYS A 430 -2.19 -23.45 6.74
N LYS A 431 -3.29 -24.25 6.66
CA LYS A 431 -3.91 -24.72 5.42
C LYS A 431 -4.49 -23.58 4.61
N LEU A 432 -5.23 -22.64 5.25
CA LEU A 432 -5.85 -21.50 4.57
C LEU A 432 -4.81 -20.67 3.84
N TYR A 433 -3.72 -20.33 4.52
CA TYR A 433 -2.65 -19.52 3.95
C TYR A 433 -1.95 -20.26 2.79
N LYS A 434 -1.28 -21.41 3.08
CA LYS A 434 -0.47 -22.18 2.14
C LYS A 434 -1.25 -22.86 0.99
N ASP A 435 -2.41 -23.38 1.31
CA ASP A 435 -3.18 -24.13 0.35
C ASP A 435 -4.26 -23.37 -0.43
N TYR A 436 -4.75 -22.26 0.14
CA TYR A 436 -5.80 -21.51 -0.50
C TYR A 436 -5.39 -20.11 -0.88
N LEU A 437 -5.04 -19.28 0.11
CA LEU A 437 -4.60 -17.90 -0.13
C LEU A 437 -3.45 -17.82 -1.15
N LEU A 438 -2.41 -18.66 -1.00
CA LEU A 438 -1.26 -18.62 -1.89
C LEU A 438 -1.54 -19.20 -3.25
N LYS A 439 -2.62 -19.96 -3.36
CA LYS A 439 -2.95 -20.59 -4.63
C LYS A 439 -4.14 -19.93 -5.35
N ILE A 440 -4.66 -18.78 -4.84
CA ILE A 440 -5.74 -18.06 -5.52
C ILE A 440 -5.24 -17.05 -6.53
N ASN A 441 -5.97 -16.96 -7.62
CA ASN A 441 -5.78 -16.04 -8.71
C ASN A 441 -7.21 -15.76 -9.11
N PHE A 442 -7.55 -14.48 -9.25
CA PHE A 442 -8.91 -14.04 -9.59
C PHE A 442 -8.88 -12.64 -10.21
N THR A 443 -9.80 -12.39 -11.16
CA THR A 443 -9.91 -11.08 -11.75
C THR A 443 -10.38 -10.13 -10.66
N ALA A 444 -9.72 -8.97 -10.54
CA ALA A 444 -10.06 -7.94 -9.57
C ALA A 444 -11.54 -7.63 -9.66
N PRO A 445 -12.27 -7.60 -8.52
CA PRO A 445 -13.74 -7.40 -8.57
C PRO A 445 -14.27 -6.17 -9.29
N PHE A 446 -13.68 -4.99 -9.08
CA PHE A 446 -14.25 -3.80 -9.71
C PHE A 446 -13.41 -3.19 -10.83
N ASN A 447 -12.61 -4.04 -11.53
CA ASN A 447 -11.78 -3.63 -12.66
C ASN A 447 -12.62 -3.73 -13.93
N PRO A 448 -12.81 -2.62 -14.69
CA PRO A 448 -13.65 -2.66 -15.90
C PRO A 448 -13.15 -3.64 -16.98
N ASN A 449 -11.89 -3.47 -17.42
CA ASN A 449 -11.24 -4.34 -18.41
C ASN A 449 -10.75 -5.58 -17.67
N LYS A 450 -11.51 -6.68 -17.79
CA LYS A 450 -11.23 -7.96 -17.12
C LYS A 450 -10.17 -8.72 -17.91
N ASP A 451 -8.92 -8.18 -17.90
CA ASP A 451 -7.76 -8.69 -18.61
C ASP A 451 -6.72 -9.34 -17.66
N ALA A 452 -5.56 -9.77 -18.20
CA ALA A 452 -4.48 -10.42 -17.47
C ALA A 452 -3.75 -9.50 -16.46
N ASP A 453 -3.90 -8.18 -16.58
CA ASP A 453 -3.24 -7.28 -15.63
C ASP A 453 -4.18 -6.83 -14.49
N SER A 454 -5.38 -7.44 -14.43
CA SER A 454 -6.37 -7.23 -13.39
C SER A 454 -6.45 -8.52 -12.53
N ILE A 455 -5.43 -9.40 -12.63
CA ILE A 455 -5.40 -10.66 -11.89
C ILE A 455 -4.78 -10.43 -10.53
N VAL A 456 -5.51 -10.87 -9.49
CA VAL A 456 -5.02 -10.74 -8.14
C VAL A 456 -4.37 -12.07 -7.79
N LYS A 457 -3.05 -12.08 -7.66
CA LYS A 457 -2.31 -13.29 -7.30
C LYS A 457 -1.12 -12.93 -6.38
N PHE A 458 -0.50 -13.93 -5.75
CA PHE A 458 0.67 -13.76 -4.86
C PHE A 458 1.73 -14.76 -5.25
N ASP A 459 3.00 -14.40 -5.12
CA ASP A 459 4.05 -15.37 -5.41
C ASP A 459 4.17 -16.31 -4.20
N THR A 460 5.19 -17.12 -4.17
CA THR A 460 5.42 -18.08 -3.11
C THR A 460 5.73 -17.42 -1.75
N PHE A 461 6.12 -16.14 -1.76
CA PHE A 461 6.45 -15.34 -0.57
C PHE A 461 5.26 -14.48 -0.08
N GLY A 462 4.11 -14.62 -0.76
CA GLY A 462 2.90 -13.89 -0.44
C GLY A 462 2.86 -12.49 -1.00
N ASP A 463 3.89 -12.09 -1.77
CA ASP A 463 3.97 -10.75 -2.38
C ASP A 463 3.04 -10.62 -3.60
N GLY A 464 2.38 -9.48 -3.70
CA GLY A 464 1.50 -9.14 -4.81
C GLY A 464 2.29 -8.82 -6.05
N MET A 465 1.60 -8.88 -7.21
CA MET A 465 2.23 -8.66 -8.51
C MET A 465 2.74 -7.26 -8.79
N GLY A 466 4.04 -7.18 -9.13
CA GLY A 466 4.73 -5.94 -9.48
C GLY A 466 4.07 -5.31 -10.68
N ARG A 467 3.46 -4.12 -10.50
CA ARG A 467 2.75 -3.37 -11.55
C ARG A 467 3.04 -1.90 -11.36
N TYR A 468 4.08 -1.37 -12.03
CA TYR A 468 4.45 0.04 -11.94
C TYR A 468 4.30 0.69 -13.30
N ASN A 469 4.01 2.01 -13.29
CA ASN A 469 3.91 2.86 -14.47
C ASN A 469 5.17 3.73 -14.60
N VAL A 470 5.52 4.12 -15.84
CA VAL A 470 6.69 4.97 -16.11
C VAL A 470 6.21 6.37 -16.48
N PHE A 471 6.85 7.41 -15.94
CA PHE A 471 6.45 8.80 -16.16
C PHE A 471 7.55 9.76 -16.62
N ASN A 472 7.48 10.22 -17.89
CA ASN A 472 8.44 11.16 -18.47
C ASN A 472 8.09 12.57 -18.04
N PHE A 473 9.10 13.44 -17.95
CA PHE A 473 8.92 14.83 -17.58
C PHE A 473 9.05 15.80 -18.76
N GLN A 474 8.12 16.78 -18.84
CA GLN A 474 8.02 17.80 -19.89
C GLN A 474 7.64 19.15 -19.28
N SER A 481 4.80 18.81 -16.16
CA SER A 481 4.15 17.94 -17.14
C SER A 481 4.65 16.46 -17.07
N TYR A 482 3.87 15.58 -16.39
CA TYR A 482 4.25 14.16 -16.28
C TYR A 482 3.45 13.36 -17.28
N LEU A 483 4.13 12.48 -18.04
CA LEU A 483 3.47 11.66 -19.05
C LEU A 483 3.69 10.16 -18.91
N LYS A 484 2.58 9.40 -18.89
CA LYS A 484 2.58 7.95 -18.78
C LYS A 484 3.21 7.28 -20.04
N VAL A 485 4.53 7.13 -20.02
CA VAL A 485 5.34 6.58 -21.11
C VAL A 485 5.53 5.04 -21.11
N GLY A 486 4.76 4.35 -20.28
CA GLY A 486 4.82 2.89 -20.21
C GLY A 486 4.58 2.23 -18.86
N HIS A 487 4.78 0.91 -18.82
CA HIS A 487 4.58 0.11 -17.62
C HIS A 487 5.62 -0.98 -17.50
N TRP A 488 5.76 -1.51 -16.26
CA TRP A 488 6.57 -2.69 -15.98
C TRP A 488 5.72 -3.63 -15.14
N ALA A 489 5.28 -4.75 -15.74
CA ALA A 489 4.46 -5.78 -15.10
C ALA A 489 5.36 -6.93 -14.68
N GLU A 490 5.63 -7.88 -15.55
CA GLU A 490 6.58 -8.95 -15.24
C GLU A 490 7.78 -8.60 -16.11
N THR A 491 7.50 -7.86 -17.21
CA THR A 491 8.38 -7.36 -18.26
C THR A 491 8.07 -5.88 -18.58
N LEU A 492 9.04 -5.16 -19.20
CA LEU A 492 8.93 -3.74 -19.58
C LEU A 492 8.05 -3.49 -20.79
N SER A 493 7.53 -2.26 -20.88
CA SER A 493 6.71 -1.72 -21.96
C SER A 493 6.87 -0.20 -21.97
N LEU A 494 7.25 0.35 -23.15
CA LEU A 494 7.46 1.77 -23.38
C LEU A 494 6.99 2.16 -24.78
N ASP A 495 6.79 3.48 -25.02
CA ASP A 495 6.35 4.03 -26.31
C ASP A 495 7.52 4.83 -26.96
N VAL A 496 7.29 6.11 -27.34
CA VAL A 496 8.28 7.02 -27.99
C VAL A 496 8.20 8.43 -27.35
N ASN A 497 9.17 8.74 -26.44
CA ASN A 497 9.27 10.04 -25.75
C ASN A 497 10.68 10.30 -25.21
C7 52Q B . 2.86 4.00 4.04
C6 52Q B . 2.31 3.91 2.64
C1 52Q B . 6.99 7.93 5.36
C5 52Q B . 5.17 3.54 3.56
C4 52Q B . 4.86 1.26 3.83
C3 52Q B . 0.88 3.93 2.48
C2 52Q B . 5.78 6.71 4.08
C8 52Q B . 2.92 2.71 3.29
C9 52Q B . 4.22 4.53 4.22
C10 52Q B . 4.34 2.40 3.00
N11 52Q B . 7.79 7.11 4.73
N12 52Q B . 7.02 6.32 3.90
N13 52Q B . 5.71 7.72 4.98
N14 52Q B . 4.67 2.30 1.55
O15 52Q B . 0.42 3.97 1.31
O16 52Q B . 5.10 0.21 3.18
O17 52Q B . 0.17 3.90 3.53
O18 52Q B . 4.98 1.51 5.05
S19 52Q B . 4.35 6.08 3.32
CL CL C . -0.90 1.06 10.08
CL CL D . 12.53 4.16 5.43
S SO4 E . 5.67 3.16 19.14
O1 SO4 E . 4.75 2.21 19.74
O2 SO4 E . 5.94 4.24 20.10
O3 SO4 E . 6.92 2.50 18.81
O4 SO4 E . 5.07 3.73 17.94
MG MG F . -22.60 -13.85 -0.13
#